data_8FWX
#
_entry.id   8FWX
#
_cell.length_a   81.864
_cell.length_b   136.062
_cell.length_c   49.950
_cell.angle_alpha   90.000
_cell.angle_beta   90.000
_cell.angle_gamma   90.000
#
_symmetry.space_group_name_H-M   'P 21 21 2'
#
loop_
_entity.id
_entity.type
_entity.pdbx_description
1 polymer 'Main Protease'
2 non-polymer 'SULFATE ION'
3 non-polymer DI(HYDROXYETHYL)ETHER
4 water water
#
_entity_poly.entity_id   1
_entity_poly.type   'polypeptide(L)'
_entity_poly.pdbx_seq_one_letter_code
;AGIKKMVAPSSAVEQCVVSVVHGNTQLNGLWLNDYVLCPRHILGKYTGEQWRDALINANNFDFHILYKGMELQVVGRELV
GALLKLKVSMVNANTPKYKFAKARIGDNFSIACAYNGHVSGLYTVTLRENGTLKGSFMSGSCGSVGYNVTNEGVEFVYMH
HLELPGCVHGGSDLHGIFYGGYVDEEVLQRIPPAPANSRNIVAWLYAAVYNNCDWFVKYGPKQVMSVEDFNEWASGYGFT
KFEYHLAFDVFSAATGVSVEQMLAAIKELADGWNYAPVLGSFHLDDEYSPEMIMQQTSGIVLQ
;
_entity_poly.pdbx_strand_id   A,B
#
# COMPACT_ATOMS: atom_id res chain seq x y z
N ALA A 1 2.85 -3.41 -16.33
CA ALA A 1 3.52 -4.55 -15.73
C ALA A 1 3.87 -4.26 -14.27
N GLY A 2 4.33 -5.27 -13.55
CA GLY A 2 4.67 -5.15 -12.15
C GLY A 2 3.52 -5.52 -11.22
N ILE A 3 3.88 -5.89 -9.99
CA ILE A 3 2.93 -6.37 -8.99
C ILE A 3 3.22 -5.64 -7.68
N LYS A 4 2.21 -4.91 -7.18
CA LYS A 4 2.30 -4.18 -5.93
C LYS A 4 1.03 -4.43 -5.11
N LYS A 5 1.14 -4.25 -3.80
CA LYS A 5 -0.05 -4.30 -2.96
C LYS A 5 -0.86 -3.03 -3.18
N MET A 6 -2.11 -3.18 -3.62
CA MET A 6 -2.93 -2.06 -4.05
C MET A 6 -3.89 -1.67 -2.94
N VAL A 7 -3.83 -0.42 -2.53
CA VAL A 7 -4.74 0.12 -1.55
C VAL A 7 -5.89 0.79 -2.29
N ALA A 8 -7.11 0.58 -1.82
CA ALA A 8 -8.25 1.27 -2.40
C ALA A 8 -8.14 2.76 -2.11
N PRO A 9 -8.54 3.62 -3.06
CA PRO A 9 -8.48 5.06 -2.80
C PRO A 9 -9.34 5.44 -1.61
N SER A 10 -8.87 6.44 -0.85
CA SER A 10 -9.38 6.68 0.49
C SER A 10 -10.31 7.87 0.61
N SER A 11 -10.61 8.57 -0.48
CA SER A 11 -11.35 9.84 -0.38
C SER A 11 -12.69 9.64 0.31
N ALA A 12 -13.42 8.58 -0.06
CA ALA A 12 -14.73 8.35 0.57
C ALA A 12 -14.60 8.06 2.06
N VAL A 13 -13.59 7.27 2.43
CA VAL A 13 -13.39 6.92 3.84
C VAL A 13 -12.96 8.13 4.65
N GLU A 14 -12.06 8.96 4.10
CA GLU A 14 -11.56 10.11 4.85
C GLU A 14 -12.69 11.03 5.27
N GLN A 15 -13.76 11.08 4.50
CA GLN A 15 -14.92 11.92 4.81
C GLN A 15 -15.86 11.29 5.81
N CYS A 16 -15.52 10.09 6.32
CA CYS A 16 -16.31 9.46 7.37
C CYS A 16 -15.53 9.18 8.64
N VAL A 17 -14.21 9.37 8.63
CA VAL A 17 -13.38 9.09 9.81
C VAL A 17 -13.49 10.24 10.80
N VAL A 18 -13.78 9.90 12.05
CA VAL A 18 -13.92 10.89 13.13
C VAL A 18 -13.10 10.43 14.33
N SER A 19 -12.92 11.36 15.26
CA SER A 19 -12.32 11.07 16.56
C SER A 19 -13.41 10.96 17.62
N VAL A 20 -13.23 10.01 18.53
CA VAL A 20 -14.15 9.79 19.64
C VAL A 20 -13.34 9.78 20.92
N VAL A 21 -13.65 10.71 21.83
CA VAL A 21 -12.95 10.82 23.11
C VAL A 21 -14.00 10.77 24.22
N HIS A 22 -13.79 9.86 25.18
CA HIS A 22 -14.66 9.69 26.36
C HIS A 22 -13.73 9.41 27.54
N GLY A 23 -13.38 10.46 28.27
N GLY A 23 -13.40 10.47 28.29
CA GLY A 23 -12.46 10.21 29.35
CA GLY A 23 -12.44 10.31 29.37
C GLY A 23 -11.14 9.82 28.72
C GLY A 23 -11.00 10.41 28.91
N ASN A 24 -10.12 9.60 29.53
CA ASN A 24 -8.74 9.49 29.04
C ASN A 24 -8.68 8.76 27.70
N THR A 25 -9.58 7.82 27.47
CA THR A 25 -9.55 6.99 26.27
C THR A 25 -9.77 7.82 25.00
N GLN A 26 -8.88 7.64 24.02
CA GLN A 26 -8.96 8.30 22.72
C GLN A 26 -8.86 7.27 21.59
N LEU A 27 -9.80 7.31 20.66
CA LEU A 27 -9.75 6.41 19.50
C LEU A 27 -10.56 7.02 18.37
N ASN A 28 -10.83 6.22 17.34
CA ASN A 28 -11.44 6.67 16.09
C ASN A 28 -12.81 6.04 15.89
N GLY A 29 -13.62 6.69 15.05
CA GLY A 29 -14.96 6.22 14.75
C GLY A 29 -15.27 6.36 13.26
N LEU A 30 -16.45 5.88 12.89
CA LEU A 30 -16.91 5.91 11.51
C LEU A 30 -18.28 6.59 11.44
N TRP A 31 -18.36 7.70 10.72
CA TRP A 31 -19.57 8.53 10.64
C TRP A 31 -20.35 8.16 9.38
N LEU A 32 -21.50 7.53 9.55
CA LEU A 32 -22.36 7.15 8.44
C LEU A 32 -23.79 7.53 8.79
N ASN A 33 -24.47 8.20 7.86
CA ASN A 33 -25.82 8.70 8.08
C ASN A 33 -25.79 9.58 9.33
N ASP A 34 -26.61 9.32 10.34
CA ASP A 34 -26.67 10.12 11.56
C ASP A 34 -26.12 9.38 12.78
N TYR A 35 -25.15 8.50 12.60
CA TYR A 35 -24.57 7.77 13.72
C TYR A 35 -23.07 7.55 13.51
N VAL A 36 -22.36 7.34 14.62
CA VAL A 36 -20.94 7.06 14.61
C VAL A 36 -20.70 5.69 15.23
N LEU A 37 -19.87 4.88 14.58
CA LEU A 37 -19.45 3.57 15.08
C LEU A 37 -18.01 3.65 15.56
N CYS A 38 -17.75 3.11 16.75
CA CYS A 38 -16.39 3.02 17.28
C CYS A 38 -16.32 1.82 18.21
N PRO A 39 -15.12 1.36 18.54
CA PRO A 39 -15.00 0.22 19.47
C PRO A 39 -15.62 0.52 20.82
N ARG A 40 -16.20 -0.51 21.43
CA ARG A 40 -16.89 -0.32 22.71
C ARG A 40 -15.96 0.02 23.86
N HIS A 41 -14.68 -0.35 23.79
CA HIS A 41 -13.86 0.01 24.95
C HIS A 41 -13.57 1.50 25.03
N ILE A 42 -14.18 2.33 24.18
CA ILE A 42 -14.24 3.77 24.41
C ILE A 42 -14.90 4.07 25.74
N LEU A 43 -15.87 3.22 26.13
CA LEU A 43 -16.49 3.34 27.44
C LEU A 43 -15.48 3.11 28.56
N GLY A 44 -14.46 2.32 28.28
CA GLY A 44 -13.44 1.97 29.26
C GLY A 44 -12.98 0.54 29.02
N LYS A 45 -12.16 0.05 29.95
CA LYS A 45 -11.66 -1.32 29.91
C LYS A 45 -12.54 -2.15 30.84
N TYR A 46 -13.44 -2.92 30.26
CA TYR A 46 -14.43 -3.69 30.99
C TYR A 46 -14.48 -5.12 30.47
N THR A 47 -15.33 -5.92 31.11
CA THR A 47 -15.51 -7.34 30.83
C THR A 47 -16.90 -7.54 30.25
N GLY A 48 -17.04 -8.63 29.48
CA GLY A 48 -18.31 -8.97 28.88
C GLY A 48 -19.52 -8.61 29.73
N GLU A 49 -19.50 -8.99 30.99
CA GLU A 49 -20.64 -8.68 31.86
C GLU A 49 -20.82 -7.18 32.04
N GLN A 50 -19.72 -6.43 32.09
CA GLN A 50 -19.78 -5.02 32.44
C GLN A 50 -20.19 -4.09 31.29
N TRP A 51 -20.12 -4.51 30.02
CA TRP A 51 -20.37 -3.57 28.94
C TRP A 51 -21.77 -2.96 29.01
N ARG A 52 -22.78 -3.78 29.30
CA ARG A 52 -24.13 -3.25 29.39
C ARG A 52 -24.25 -2.22 30.50
N ASP A 53 -23.64 -2.50 31.66
CA ASP A 53 -23.69 -1.58 32.79
C ASP A 53 -22.88 -0.32 32.54
N ALA A 54 -21.76 -0.42 31.82
CA ALA A 54 -21.00 0.78 31.48
C ALA A 54 -21.80 1.68 30.55
N LEU A 55 -22.45 1.11 29.54
CA LEU A 55 -23.27 1.90 28.64
C LEU A 55 -24.43 2.54 29.40
N ILE A 56 -25.02 1.81 30.36
CA ILE A 56 -26.13 2.35 31.13
C ILE A 56 -25.69 3.53 31.98
N ASN A 57 -24.51 3.44 32.59
CA ASN A 57 -24.00 4.49 33.46
C ASN A 57 -23.45 5.70 32.70
N ALA A 58 -23.32 5.61 31.37
CA ALA A 58 -22.74 6.67 30.58
C ALA A 58 -23.72 7.82 30.33
N ASN A 59 -23.16 8.97 29.97
CA ASN A 59 -23.91 10.16 29.57
C ASN A 59 -23.56 10.50 28.13
N ASN A 60 -24.59 10.89 27.35
CA ASN A 60 -24.35 11.22 25.94
C ASN A 60 -23.36 12.37 25.78
N PHE A 61 -23.29 13.29 26.74
CA PHE A 61 -22.40 14.43 26.60
C PHE A 61 -20.94 14.09 26.88
N ASP A 62 -20.67 12.95 27.53
CA ASP A 62 -19.30 12.56 27.82
C ASP A 62 -18.55 12.11 26.56
N PHE A 63 -19.25 11.84 25.47
CA PHE A 63 -18.62 11.48 24.22
C PHE A 63 -18.44 12.72 23.36
N HIS A 64 -17.21 12.97 22.92
CA HIS A 64 -16.86 14.13 22.10
C HIS A 64 -16.37 13.61 20.75
N ILE A 65 -17.15 13.88 19.70
CA ILE A 65 -16.86 13.40 18.35
C ILE A 65 -16.50 14.61 17.49
N LEU A 66 -15.35 14.54 16.83
CA LEU A 66 -14.85 15.61 15.98
C LEU A 66 -14.61 15.08 14.57
N TYR A 67 -15.15 15.77 13.58
CA TYR A 67 -14.81 15.52 12.17
C TYR A 67 -14.17 16.78 11.62
N LYS A 68 -12.84 16.76 11.50
CA LYS A 68 -12.10 17.91 11.00
C LYS A 68 -12.44 19.16 11.82
N GLY A 69 -12.45 19.01 13.14
CA GLY A 69 -12.62 20.11 14.06
C GLY A 69 -14.06 20.40 14.48
N MET A 70 -15.05 19.99 13.70
CA MET A 70 -16.43 20.24 14.04
C MET A 70 -16.93 19.21 15.04
N GLU A 71 -17.64 19.68 16.06
CA GLU A 71 -18.22 18.78 17.05
C GLU A 71 -19.46 18.12 16.50
N LEU A 72 -19.61 16.82 16.79
CA LEU A 72 -20.82 16.08 16.49
C LEU A 72 -21.48 15.70 17.81
N GLN A 73 -22.74 16.07 17.97
CA GLN A 73 -23.45 15.87 19.22
C GLN A 73 -24.13 14.50 19.23
N VAL A 74 -23.90 13.75 20.31
CA VAL A 74 -24.53 12.44 20.47
C VAL A 74 -25.93 12.63 21.01
N VAL A 75 -26.90 11.97 20.38
CA VAL A 75 -28.29 11.99 20.82
C VAL A 75 -28.80 10.61 21.21
N GLY A 76 -27.98 9.57 21.09
CA GLY A 76 -28.36 8.23 21.48
C GLY A 76 -27.19 7.27 21.58
N ARG A 77 -27.26 6.35 22.54
CA ARG A 77 -26.23 5.35 22.75
C ARG A 77 -26.79 3.96 22.45
N GLU A 78 -25.93 3.09 21.94
CA GLU A 78 -26.33 1.70 21.74
C GLU A 78 -25.10 0.83 21.58
N LEU A 79 -25.24 -0.43 21.98
CA LEU A 79 -24.20 -1.43 21.81
C LEU A 79 -24.57 -2.32 20.64
N VAL A 80 -23.63 -2.51 19.72
CA VAL A 80 -23.81 -3.40 18.57
C VAL A 80 -22.61 -4.34 18.57
N GLY A 81 -22.76 -5.48 19.24
CA GLY A 81 -21.62 -6.36 19.40
C GLY A 81 -20.50 -5.64 20.13
N ALA A 82 -19.29 -5.75 19.61
CA ALA A 82 -18.13 -5.08 20.19
C ALA A 82 -18.04 -3.61 19.81
N LEU A 83 -19.09 -3.04 19.22
CA LEU A 83 -19.06 -1.65 18.80
C LEU A 83 -20.08 -0.85 19.59
N LEU A 84 -19.80 0.45 19.72
CA LEU A 84 -20.75 1.43 20.22
C LEU A 84 -21.31 2.18 19.04
N LYS A 85 -22.64 2.33 18.99
CA LYS A 85 -23.31 3.09 17.95
C LYS A 85 -23.87 4.36 18.57
N LEU A 86 -23.30 5.50 18.19
CA LEU A 86 -23.68 6.80 18.74
C LEU A 86 -24.45 7.57 17.69
N LYS A 87 -25.77 7.70 17.88
CA LYS A 87 -26.57 8.58 17.05
C LYS A 87 -26.13 10.02 17.30
N VAL A 88 -25.93 10.77 16.21
CA VAL A 88 -25.45 12.14 16.31
C VAL A 88 -26.47 13.09 15.71
N SER A 89 -26.36 14.36 16.11
CA SER A 89 -27.33 15.40 15.76
C SER A 89 -27.17 15.92 14.34
N MET A 90 -26.19 15.44 13.57
CA MET A 90 -25.99 15.89 12.21
C MET A 90 -25.80 14.68 11.30
N VAL A 91 -26.35 14.76 10.09
CA VAL A 91 -26.25 13.69 9.11
C VAL A 91 -25.03 13.95 8.22
N ASN A 92 -24.19 12.94 8.04
CA ASN A 92 -22.99 13.06 7.21
C ASN A 92 -23.40 13.18 5.75
N ALA A 93 -23.34 14.39 5.21
CA ALA A 93 -23.60 14.58 3.79
C ALA A 93 -22.60 13.81 2.93
N ASN A 94 -21.44 13.46 3.48
CA ASN A 94 -20.41 12.72 2.77
C ASN A 94 -20.57 11.22 2.88
N THR A 95 -21.69 10.75 3.40
CA THR A 95 -21.93 9.32 3.48
C THR A 95 -21.99 8.75 2.06
N PRO A 96 -21.14 7.80 1.70
CA PRO A 96 -21.16 7.25 0.35
C PRO A 96 -22.20 6.14 0.21
N LYS A 97 -22.34 5.64 -1.01
CA LYS A 97 -23.10 4.41 -1.23
C LYS A 97 -22.23 3.26 -0.74
N TYR A 98 -22.66 2.58 0.32
CA TYR A 98 -21.81 1.61 1.00
C TYR A 98 -22.61 0.38 1.40
N LYS A 99 -21.89 -0.68 1.73
CA LYS A 99 -22.44 -1.87 2.34
C LYS A 99 -21.50 -2.34 3.45
N PHE A 100 -22.07 -2.79 4.56
CA PHE A 100 -21.29 -3.52 5.54
C PHE A 100 -21.18 -4.96 5.07
N ALA A 101 -19.95 -5.42 4.86
CA ALA A 101 -19.71 -6.78 4.40
C ALA A 101 -18.67 -7.45 5.29
N LYS A 102 -18.76 -8.77 5.37
CA LYS A 102 -17.80 -9.55 6.13
C LYS A 102 -16.68 -9.97 5.19
N ALA A 103 -15.45 -9.62 5.56
CA ALA A 103 -14.31 -10.11 4.79
C ALA A 103 -14.19 -11.61 4.98
N ARG A 104 -13.86 -12.30 3.89
N ARG A 104 -13.87 -12.30 3.89
CA ARG A 104 -13.67 -13.73 3.92
CA ARG A 104 -13.67 -13.74 3.92
C ARG A 104 -12.18 -14.06 3.96
C ARG A 104 -12.18 -14.06 3.97
N ILE A 105 -11.88 -15.28 4.37
CA ILE A 105 -10.48 -15.68 4.56
C ILE A 105 -9.74 -15.59 3.23
N GLY A 106 -8.59 -14.91 3.25
CA GLY A 106 -7.80 -14.70 2.05
C GLY A 106 -8.04 -13.36 1.38
N ASP A 107 -9.19 -12.73 1.62
CA ASP A 107 -9.48 -11.43 1.05
C ASP A 107 -8.45 -10.40 1.49
N ASN A 108 -8.15 -9.47 0.59
CA ASN A 108 -7.46 -8.24 0.94
C ASN A 108 -8.49 -7.17 1.28
N PHE A 109 -8.09 -6.26 2.17
CA PHE A 109 -8.78 -4.98 2.27
C PHE A 109 -7.76 -3.93 2.68
N SER A 110 -8.18 -2.67 2.57
CA SER A 110 -7.30 -1.54 2.86
C SER A 110 -7.60 -1.04 4.27
N ILE A 111 -6.53 -0.76 5.02
CA ILE A 111 -6.66 -0.20 6.37
C ILE A 111 -6.42 1.29 6.27
N ALA A 112 -7.40 2.08 6.70
CA ALA A 112 -7.22 3.53 6.84
C ALA A 112 -6.75 3.76 8.27
N CYS A 113 -5.43 3.69 8.46
CA CYS A 113 -4.85 3.82 9.78
C CYS A 113 -5.01 5.26 10.25
N ALA A 114 -5.69 5.46 11.37
CA ALA A 114 -6.04 6.80 11.80
C ALA A 114 -5.58 7.03 13.23
N TYR A 115 -5.26 8.29 13.51
CA TYR A 115 -4.97 8.76 14.85
C TYR A 115 -5.66 10.10 15.04
N ASN A 116 -6.28 10.29 16.19
CA ASN A 116 -6.99 11.54 16.49
C ASN A 116 -8.00 11.87 15.40
N GLY A 117 -8.62 10.84 14.83
CA GLY A 117 -9.64 11.03 13.83
C GLY A 117 -9.14 11.49 12.48
N HIS A 118 -7.84 11.37 12.23
CA HIS A 118 -7.24 11.79 10.96
C HIS A 118 -6.45 10.60 10.40
N VAL A 119 -6.81 10.18 9.19
CA VAL A 119 -6.10 9.09 8.55
C VAL A 119 -4.66 9.52 8.28
N SER A 120 -3.70 8.80 8.87
CA SER A 120 -2.29 9.10 8.69
C SER A 120 -1.60 8.24 7.64
N GLY A 121 -2.18 7.09 7.30
CA GLY A 121 -1.57 6.22 6.31
C GLY A 121 -2.49 5.07 5.97
N LEU A 122 -2.22 4.48 4.81
CA LEU A 122 -3.01 3.37 4.28
C LEU A 122 -2.09 2.22 3.91
N TYR A 123 -2.60 1.00 4.09
CA TYR A 123 -1.91 -0.20 3.64
C TYR A 123 -2.93 -1.30 3.45
N THR A 124 -2.51 -2.36 2.78
CA THR A 124 -3.38 -3.51 2.55
C THR A 124 -3.06 -4.61 3.56
N VAL A 125 -4.10 -5.32 4.00
CA VAL A 125 -3.95 -6.48 4.85
C VAL A 125 -4.64 -7.65 4.18
N THR A 126 -4.41 -8.83 4.73
CA THR A 126 -5.00 -10.08 4.28
C THR A 126 -5.62 -10.78 5.49
N LEU A 127 -6.89 -11.14 5.39
CA LEU A 127 -7.54 -11.87 6.47
C LEU A 127 -7.01 -13.31 6.52
N ARG A 128 -6.42 -13.67 7.66
CA ARG A 128 -5.87 -15.00 7.86
C ARG A 128 -6.94 -15.94 8.41
N GLU A 129 -6.66 -17.24 8.32
CA GLU A 129 -7.66 -18.24 8.70
C GLU A 129 -8.08 -18.11 10.15
N ASN A 130 -7.19 -17.65 11.03
CA ASN A 130 -7.53 -17.47 12.44
C ASN A 130 -8.17 -16.12 12.73
N GLY A 131 -8.58 -15.37 11.70
CA GLY A 131 -9.27 -14.12 11.90
C GLY A 131 -8.40 -12.93 12.29
N THR A 132 -7.09 -13.00 12.08
CA THR A 132 -6.19 -11.92 12.44
C THR A 132 -5.56 -11.32 11.18
N LEU A 133 -4.96 -10.15 11.35
CA LEU A 133 -4.27 -9.43 10.31
C LEU A 133 -2.82 -9.18 10.72
N LYS A 134 -1.94 -9.09 9.74
CA LYS A 134 -0.59 -8.58 9.95
C LYS A 134 -0.60 -7.11 9.58
N GLY A 135 -0.92 -6.25 10.55
CA GLY A 135 -1.08 -4.84 10.32
C GLY A 135 0.08 -4.01 10.85
N SER A 136 -0.17 -2.71 10.95
CA SER A 136 0.77 -1.75 11.52
C SER A 136 -0.08 -0.75 12.30
N PHE A 137 -0.07 -0.87 13.62
CA PHE A 137 -1.00 -0.12 14.47
C PHE A 137 -0.28 0.32 15.73
N MET A 138 -0.31 1.62 15.99
CA MET A 138 0.21 2.14 17.25
C MET A 138 -0.95 2.58 18.14
N SER A 139 -0.59 2.96 19.37
CA SER A 139 -1.59 3.43 20.32
C SER A 139 -2.37 4.59 19.72
N GLY A 140 -3.69 4.55 19.89
CA GLY A 140 -4.57 5.55 19.32
C GLY A 140 -5.20 5.18 18.02
N SER A 141 -4.81 4.03 17.44
CA SER A 141 -5.33 3.61 16.14
C SER A 141 -6.62 2.81 16.23
N CYS A 142 -7.07 2.44 17.43
CA CYS A 142 -8.33 1.71 17.54
C CYS A 142 -9.45 2.47 16.84
N GLY A 143 -10.35 1.72 16.22
CA GLY A 143 -11.43 2.32 15.46
C GLY A 143 -11.07 2.59 14.02
N SER A 144 -9.81 2.44 13.65
CA SER A 144 -9.44 2.50 12.24
C SER A 144 -10.21 1.42 11.49
N VAL A 145 -10.68 1.76 10.28
CA VAL A 145 -11.53 0.86 9.52
C VAL A 145 -10.74 0.27 8.36
N GLY A 146 -11.10 -0.95 7.99
CA GLY A 146 -10.65 -1.58 6.75
C GLY A 146 -11.81 -1.59 5.77
N TYR A 147 -11.50 -1.36 4.50
CA TYR A 147 -12.56 -1.10 3.53
C TYR A 147 -12.11 -1.57 2.15
N ASN A 148 -13.08 -1.74 1.26
CA ASN A 148 -12.83 -1.95 -0.15
C ASN A 148 -13.71 -1.00 -0.95
N VAL A 149 -13.32 -0.77 -2.20
CA VAL A 149 -14.07 0.11 -3.07
C VAL A 149 -14.41 -0.66 -4.33
N THR A 150 -15.69 -0.74 -4.65
CA THR A 150 -16.18 -1.40 -5.84
C THR A 150 -16.93 -0.39 -6.70
N ASN A 151 -17.34 -0.84 -7.88
CA ASN A 151 -18.15 0.02 -8.73
C ASN A 151 -19.53 0.28 -8.14
N GLU A 152 -19.91 -0.46 -7.09
CA GLU A 152 -21.18 -0.24 -6.41
C GLU A 152 -21.06 0.67 -5.20
N GLY A 153 -19.85 0.95 -4.73
CA GLY A 153 -19.64 1.89 -3.65
C GLY A 153 -18.58 1.38 -2.69
N VAL A 154 -18.56 2.01 -1.51
CA VAL A 154 -17.63 1.64 -0.45
C VAL A 154 -18.13 0.39 0.27
N GLU A 155 -17.19 -0.46 0.66
CA GLU A 155 -17.51 -1.68 1.40
C GLU A 155 -16.70 -1.66 2.69
N PHE A 156 -17.36 -1.42 3.81
CA PHE A 156 -16.73 -1.41 5.13
C PHE A 156 -16.75 -2.80 5.72
N VAL A 157 -15.57 -3.38 5.94
CA VAL A 157 -15.46 -4.75 6.40
C VAL A 157 -14.81 -4.89 7.77
N TYR A 158 -14.08 -3.88 8.25
CA TYR A 158 -13.25 -4.09 9.43
C TYR A 158 -13.19 -2.81 10.27
N MET A 159 -13.11 -3.01 11.58
CA MET A 159 -12.76 -1.94 12.51
C MET A 159 -11.78 -2.51 13.52
N HIS A 160 -10.67 -1.80 13.73
CA HIS A 160 -9.58 -2.35 14.52
C HIS A 160 -9.85 -2.21 16.02
N HIS A 161 -9.47 -3.25 16.77
CA HIS A 161 -9.68 -3.25 18.22
C HIS A 161 -8.40 -3.50 19.02
N LEU A 162 -7.56 -4.44 18.60
CA LEU A 162 -6.63 -4.99 19.57
C LEU A 162 -5.38 -5.52 18.88
N GLU A 163 -4.34 -5.69 19.69
CA GLU A 163 -3.10 -6.28 19.25
C GLU A 163 -2.84 -7.53 20.07
N LEU A 164 -2.34 -8.55 19.40
CA LEU A 164 -2.15 -9.88 19.95
C LEU A 164 -0.68 -10.25 19.86
N PRO A 165 -0.22 -11.25 20.59
CA PRO A 165 1.20 -11.56 20.61
C PRO A 165 1.73 -11.80 19.21
N GLY A 166 2.92 -11.26 18.94
CA GLY A 166 3.58 -11.48 17.67
C GLY A 166 3.21 -10.54 16.56
N CYS A 167 2.91 -9.27 16.86
CA CYS A 167 2.52 -8.29 15.84
C CYS A 167 1.34 -8.80 15.02
N VAL A 168 0.35 -9.33 15.72
CA VAL A 168 -0.88 -9.82 15.13
C VAL A 168 -2.01 -8.91 15.61
N HIS A 169 -2.93 -8.60 14.71
CA HIS A 169 -3.96 -7.62 14.98
C HIS A 169 -5.34 -8.22 14.76
N GLY A 170 -6.29 -7.83 15.60
CA GLY A 170 -7.62 -8.36 15.55
C GLY A 170 -8.65 -7.24 15.61
N GLY A 171 -9.84 -7.55 15.13
CA GLY A 171 -10.88 -6.55 15.09
C GLY A 171 -12.22 -7.20 14.82
N SER A 172 -13.19 -6.35 14.49
CA SER A 172 -14.55 -6.79 14.24
C SER A 172 -14.99 -6.29 12.87
N ASP A 173 -16.09 -6.86 12.38
CA ASP A 173 -16.77 -6.22 11.26
C ASP A 173 -17.60 -5.05 11.79
N LEU A 174 -18.34 -4.41 10.90
CA LEU A 174 -19.10 -3.23 11.30
C LEU A 174 -20.43 -3.60 11.95
N HIS A 175 -20.70 -4.89 12.13
CA HIS A 175 -21.76 -5.36 13.02
C HIS A 175 -21.23 -5.72 14.40
N GLY A 176 -19.97 -5.41 14.68
CA GLY A 176 -19.43 -5.68 16.00
C GLY A 176 -19.09 -7.13 16.27
N ILE A 177 -18.98 -7.95 15.24
CA ILE A 177 -18.62 -9.36 15.40
C ILE A 177 -17.12 -9.51 15.21
N PHE A 178 -16.45 -10.10 16.19
CA PHE A 178 -15.01 -10.29 16.09
C PHE A 178 -14.68 -11.29 14.99
N TYR A 179 -13.60 -11.01 14.26
CA TYR A 179 -13.23 -11.84 13.13
C TYR A 179 -12.53 -13.12 13.56
N GLY A 180 -12.00 -13.16 14.79
CA GLY A 180 -11.31 -14.34 15.27
C GLY A 180 -11.73 -14.67 16.69
N GLY A 181 -11.17 -15.76 17.20
CA GLY A 181 -11.50 -16.22 18.53
C GLY A 181 -10.76 -15.46 19.60
N TYR A 182 -10.95 -14.15 19.62
CA TYR A 182 -10.36 -13.27 20.61
C TYR A 182 -11.41 -12.29 21.10
N VAL A 183 -11.05 -11.53 22.13
CA VAL A 183 -11.98 -10.58 22.74
C VAL A 183 -11.22 -9.31 23.08
N ASP A 184 -11.97 -8.21 23.22
CA ASP A 184 -11.39 -6.89 23.47
C ASP A 184 -11.14 -6.73 24.97
N GLU A 185 -10.18 -7.49 25.48
CA GLU A 185 -9.85 -7.49 26.89
C GLU A 185 -8.35 -7.64 27.08
N GLU A 186 -7.83 -7.02 28.15
CA GLU A 186 -6.41 -7.10 28.52
C GLU A 186 -6.17 -8.47 29.16
N VAL A 187 -6.09 -9.47 28.30
CA VAL A 187 -5.84 -10.85 28.69
C VAL A 187 -4.92 -11.47 27.66
N LEU A 188 -4.04 -12.36 28.13
CA LEU A 188 -3.16 -13.09 27.23
C LEU A 188 -3.98 -14.01 26.36
N GLN A 189 -3.98 -13.76 25.07
CA GLN A 189 -4.73 -14.57 24.11
C GLN A 189 -3.73 -15.14 23.12
N ARG A 190 -3.42 -16.42 23.26
CA ARG A 190 -2.57 -17.12 22.32
C ARG A 190 -3.50 -17.85 21.35
N ILE A 191 -3.39 -17.54 20.06
CA ILE A 191 -4.36 -18.07 19.11
C ILE A 191 -3.65 -19.00 18.14
N PRO A 192 -4.35 -19.97 17.57
CA PRO A 192 -3.70 -20.92 16.67
C PRO A 192 -3.04 -20.20 15.52
N PRO A 193 -1.82 -20.60 15.16
CA PRO A 193 -1.15 -20.00 14.00
C PRO A 193 -1.91 -20.29 12.71
N ALA A 194 -1.74 -19.40 11.75
CA ALA A 194 -2.51 -19.38 10.52
C ALA A 194 -1.78 -20.15 9.41
N PRO A 195 -2.41 -21.14 8.80
CA PRO A 195 -1.78 -21.79 7.63
C PRO A 195 -1.68 -20.83 6.46
N ALA A 196 -0.73 -21.13 5.57
CA ALA A 196 -0.55 -20.33 4.36
C ALA A 196 -1.73 -20.52 3.41
N ASN A 197 -2.19 -19.42 2.83
CA ASN A 197 -3.37 -19.46 1.97
C ASN A 197 -2.98 -19.95 0.58
N SER A 198 -3.36 -21.19 0.24
CA SER A 198 -2.97 -21.77 -1.03
C SER A 198 -3.60 -21.04 -2.21
N ARG A 199 -4.87 -20.67 -2.09
CA ARG A 199 -5.54 -19.95 -3.17
C ARG A 199 -4.80 -18.68 -3.54
N ASN A 200 -4.42 -17.89 -2.52
CA ASN A 200 -3.70 -16.65 -2.77
C ASN A 200 -2.34 -16.92 -3.41
N ILE A 201 -1.67 -17.97 -2.96
CA ILE A 201 -0.36 -18.29 -3.53
C ILE A 201 -0.50 -18.60 -5.01
N VAL A 202 -1.57 -19.31 -5.40
CA VAL A 202 -1.80 -19.58 -6.82
C VAL A 202 -1.90 -18.27 -7.58
N ALA A 203 -2.64 -17.31 -7.04
CA ALA A 203 -2.77 -16.02 -7.71
C ALA A 203 -1.42 -15.34 -7.86
N TRP A 204 -0.58 -15.41 -6.83
CA TRP A 204 0.74 -14.79 -6.87
C TRP A 204 1.63 -15.48 -7.91
N LEU A 205 1.55 -16.81 -7.99
CA LEU A 205 2.31 -17.53 -9.01
C LEU A 205 1.86 -17.13 -10.41
N TYR A 206 0.55 -17.00 -10.63
CA TYR A 206 0.07 -16.52 -11.92
C TYR A 206 0.59 -15.11 -12.21
N ALA A 207 0.57 -14.23 -11.20
CA ALA A 207 1.12 -12.89 -11.37
C ALA A 207 2.58 -12.94 -11.77
N ALA A 208 3.33 -13.93 -11.26
CA ALA A 208 4.71 -14.09 -11.71
C ALA A 208 4.75 -14.44 -13.18
N VAL A 209 3.90 -15.37 -13.64
CA VAL A 209 3.89 -15.76 -15.05
C VAL A 209 3.48 -14.58 -15.91
N TYR A 210 2.49 -13.80 -15.46
CA TYR A 210 2.10 -12.60 -16.19
C TYR A 210 3.28 -11.67 -16.41
N ASN A 211 4.26 -11.71 -15.52
CA ASN A 211 5.42 -10.83 -15.59
C ASN A 211 6.69 -11.59 -15.95
N ASN A 212 6.56 -12.57 -16.84
CA ASN A 212 7.70 -13.26 -17.47
C ASN A 212 8.58 -14.00 -16.46
N CYS A 213 7.99 -14.44 -15.35
CA CYS A 213 8.68 -15.28 -14.38
C CYS A 213 7.92 -16.60 -14.33
N ASP A 214 8.31 -17.55 -15.19
CA ASP A 214 7.65 -18.84 -15.25
C ASP A 214 8.61 -20.01 -15.08
N TRP A 215 9.81 -19.77 -14.57
CA TRP A 215 10.79 -20.84 -14.45
C TRP A 215 10.23 -22.03 -13.66
N PHE A 216 9.49 -21.77 -12.59
CA PHE A 216 8.97 -22.88 -11.78
C PHE A 216 7.98 -23.77 -12.53
N VAL A 217 7.34 -23.28 -13.61
CA VAL A 217 6.37 -24.07 -14.36
C VAL A 217 6.91 -24.49 -15.71
N LYS A 218 7.51 -23.56 -16.45
CA LYS A 218 8.03 -23.90 -17.78
C LYS A 218 9.36 -24.64 -17.70
N TYR A 219 10.11 -24.45 -16.61
CA TYR A 219 11.44 -25.05 -16.53
C TYR A 219 11.37 -26.57 -16.40
N GLY A 220 10.30 -27.10 -15.84
CA GLY A 220 10.15 -28.54 -15.72
C GLY A 220 9.23 -29.11 -16.78
N PRO A 221 9.35 -30.42 -17.03
CA PRO A 221 8.30 -31.14 -17.75
C PRO A 221 6.99 -30.99 -17.01
N LYS A 222 5.90 -30.87 -17.77
CA LYS A 222 4.64 -30.47 -17.14
C LYS A 222 4.38 -31.36 -15.94
N GLN A 223 4.41 -30.76 -14.75
CA GLN A 223 4.17 -31.44 -13.50
C GLN A 223 2.81 -30.97 -12.99
N VAL A 224 2.02 -31.91 -12.49
CA VAL A 224 0.63 -31.62 -12.17
C VAL A 224 0.25 -32.29 -10.85
N MET A 225 -0.64 -31.63 -10.11
CA MET A 225 -1.15 -32.14 -8.86
C MET A 225 -2.64 -31.83 -8.85
N SER A 226 -3.46 -32.86 -8.76
CA SER A 226 -4.90 -32.67 -8.77
C SER A 226 -5.34 -31.87 -7.55
N VAL A 227 -6.53 -31.27 -7.65
CA VAL A 227 -7.08 -30.54 -6.51
C VAL A 227 -7.25 -31.48 -5.32
N GLU A 228 -7.76 -32.69 -5.59
CA GLU A 228 -7.92 -33.67 -4.51
C GLU A 228 -6.56 -34.03 -3.91
N ASP A 229 -5.58 -34.36 -4.76
CA ASP A 229 -4.26 -34.70 -4.27
C ASP A 229 -3.64 -33.55 -3.48
N PHE A 230 -3.73 -32.33 -4.01
CA PHE A 230 -3.13 -31.19 -3.32
C PHE A 230 -3.80 -30.94 -1.98
N ASN A 231 -5.14 -31.02 -1.92
CA ASN A 231 -5.83 -30.75 -0.67
C ASN A 231 -5.35 -31.69 0.43
N GLU A 232 -5.05 -32.94 0.07
CA GLU A 232 -4.59 -33.89 1.08
C GLU A 232 -3.18 -33.53 1.55
N TRP A 233 -2.29 -33.16 0.62
CA TRP A 233 -0.96 -32.72 1.02
C TRP A 233 -1.02 -31.46 1.86
N ALA A 234 -1.84 -30.49 1.47
CA ALA A 234 -1.87 -29.22 2.20
C ALA A 234 -2.37 -29.42 3.62
N SER A 235 -3.30 -30.34 3.82
CA SER A 235 -3.89 -30.54 5.14
C SER A 235 -2.84 -30.81 6.20
N GLY A 236 -1.76 -31.51 5.83
CA GLY A 236 -0.70 -31.85 6.77
C GLY A 236 0.61 -31.12 6.57
N TYR A 237 0.63 -30.02 5.80
CA TYR A 237 1.86 -29.25 5.63
C TYR A 237 1.67 -27.77 5.92
N GLY A 238 0.58 -27.38 6.58
CA GLY A 238 0.38 -25.99 6.96
C GLY A 238 -0.12 -25.09 5.87
N PHE A 239 -0.79 -25.63 4.85
CA PHE A 239 -1.40 -24.85 3.80
C PHE A 239 -2.91 -25.04 3.84
N THR A 240 -3.64 -24.00 3.46
CA THR A 240 -5.08 -24.14 3.37
C THR A 240 -5.43 -25.03 2.18
N LYS A 241 -6.61 -25.65 2.27
CA LYS A 241 -7.13 -26.37 1.11
C LYS A 241 -7.38 -25.39 -0.02
N PHE A 242 -7.06 -25.83 -1.24
CA PHE A 242 -7.28 -24.95 -2.38
C PHE A 242 -8.76 -24.62 -2.52
N GLU A 243 -9.05 -23.36 -2.78
CA GLU A 243 -10.38 -22.87 -3.07
C GLU A 243 -10.32 -22.20 -4.43
N TYR A 244 -11.27 -22.53 -5.31
CA TYR A 244 -11.20 -21.95 -6.65
C TYR A 244 -11.60 -20.48 -6.61
N HIS A 245 -11.21 -19.76 -7.66
CA HIS A 245 -11.62 -18.37 -7.83
C HIS A 245 -11.78 -18.07 -9.30
N LEU A 246 -12.80 -17.28 -9.64
CA LEU A 246 -13.08 -16.97 -11.03
C LEU A 246 -11.87 -16.36 -11.74
N ALA A 247 -11.04 -15.62 -11.01
CA ALA A 247 -9.88 -14.98 -11.62
C ALA A 247 -8.92 -15.99 -12.23
N PHE A 248 -8.90 -17.23 -11.73
CA PHE A 248 -7.97 -18.21 -12.26
C PHE A 248 -8.31 -18.56 -13.70
N ASP A 249 -9.58 -18.47 -14.07
CA ASP A 249 -9.95 -18.66 -15.47
C ASP A 249 -9.30 -17.61 -16.34
N VAL A 250 -9.32 -16.36 -15.90
CA VAL A 250 -8.64 -15.29 -16.63
C VAL A 250 -7.13 -15.53 -16.67
N PHE A 251 -6.54 -15.92 -15.54
CA PHE A 251 -5.09 -16.04 -15.48
C PHE A 251 -4.59 -17.16 -16.38
N SER A 252 -5.23 -18.33 -16.31
CA SER A 252 -4.80 -19.43 -17.16
C SER A 252 -5.07 -19.13 -18.62
N ALA A 253 -6.09 -18.32 -18.92
CA ALA A 253 -6.35 -17.91 -20.28
C ALA A 253 -5.22 -17.02 -20.82
N ALA A 254 -4.67 -16.17 -19.97
CA ALA A 254 -3.62 -15.27 -20.43
C ALA A 254 -2.24 -15.93 -20.41
N THR A 255 -2.05 -16.98 -19.61
CA THR A 255 -0.74 -17.58 -19.41
C THR A 255 -0.60 -18.97 -20.01
N GLY A 256 -1.71 -19.67 -20.23
CA GLY A 256 -1.67 -21.06 -20.66
C GLY A 256 -1.36 -22.05 -19.56
N VAL A 257 -1.17 -21.59 -18.33
CA VAL A 257 -0.81 -22.45 -17.21
C VAL A 257 -2.07 -22.79 -16.41
N SER A 258 -2.24 -24.07 -16.11
CA SER A 258 -3.42 -24.55 -15.40
C SER A 258 -3.22 -24.45 -13.89
N VAL A 259 -4.34 -24.51 -13.17
CA VAL A 259 -4.27 -24.51 -11.71
C VAL A 259 -3.46 -25.69 -11.21
N GLU A 260 -3.60 -26.86 -11.85
CA GLU A 260 -2.92 -28.06 -11.39
C GLU A 260 -1.41 -27.93 -11.49
N GLN A 261 -0.90 -27.19 -12.48
CA GLN A 261 0.53 -26.91 -12.50
C GLN A 261 0.94 -26.03 -11.33
N MET A 262 0.12 -25.03 -11.00
CA MET A 262 0.44 -24.15 -9.89
C MET A 262 0.43 -24.92 -8.56
N LEU A 263 -0.54 -25.81 -8.38
CA LEU A 263 -0.58 -26.61 -7.16
C LEU A 263 0.65 -27.48 -7.06
N ALA A 264 1.09 -28.08 -8.17
CA ALA A 264 2.33 -28.84 -8.17
C ALA A 264 3.51 -27.95 -7.83
N ALA A 265 3.54 -26.73 -8.37
CA ALA A 265 4.62 -25.81 -8.03
C ALA A 265 4.61 -25.48 -6.54
N ILE A 266 3.42 -25.31 -5.96
CA ILE A 266 3.34 -24.98 -4.54
C ILE A 266 3.99 -26.08 -3.71
N LYS A 267 3.67 -27.34 -4.02
CA LYS A 267 4.30 -28.45 -3.30
C LYS A 267 5.80 -28.45 -3.53
N GLU A 268 6.24 -28.10 -4.74
CA GLU A 268 7.67 -28.11 -5.04
C GLU A 268 8.40 -26.97 -4.35
N LEU A 269 7.73 -25.84 -4.16
CA LEU A 269 8.33 -24.63 -3.61
C LEU A 269 7.96 -24.40 -2.15
N ALA A 270 7.25 -25.34 -1.52
CA ALA A 270 6.70 -25.09 -0.20
C ALA A 270 7.78 -24.73 0.81
N ASP A 271 8.96 -25.31 0.70
CA ASP A 271 10.04 -25.05 1.64
C ASP A 271 10.93 -23.89 1.20
N GLY A 272 10.52 -23.12 0.21
CA GLY A 272 11.37 -22.09 -0.32
C GLY A 272 12.29 -22.63 -1.40
N TRP A 273 13.12 -21.74 -1.94
CA TRP A 273 14.00 -22.09 -3.04
C TRP A 273 15.14 -21.08 -3.11
N ASN A 274 16.12 -21.40 -3.97
CA ASN A 274 17.21 -20.47 -4.24
C ASN A 274 17.59 -20.42 -5.72
N TYR A 275 16.90 -21.15 -6.59
CA TYR A 275 17.25 -21.16 -8.01
C TYR A 275 17.18 -19.76 -8.59
N ALA A 276 16.05 -19.07 -8.38
CA ALA A 276 15.86 -17.74 -8.92
C ALA A 276 14.71 -17.09 -8.17
N PRO A 277 14.68 -15.76 -8.11
CA PRO A 277 13.56 -15.08 -7.46
C PRO A 277 12.26 -15.29 -8.23
N VAL A 278 11.17 -15.24 -7.50
CA VAL A 278 9.83 -15.13 -8.08
C VAL A 278 9.23 -13.85 -7.52
N LEU A 279 9.08 -12.85 -8.39
CA LEU A 279 8.64 -11.53 -7.96
C LEU A 279 9.46 -11.04 -6.77
N GLY A 280 10.78 -11.22 -6.87
CA GLY A 280 11.69 -10.73 -5.87
C GLY A 280 11.81 -11.57 -4.62
N SER A 281 11.09 -12.68 -4.53
CA SER A 281 11.05 -13.48 -3.32
C SER A 281 11.64 -14.86 -3.57
N PHE A 282 11.98 -15.54 -2.47
CA PHE A 282 12.42 -16.92 -2.50
C PHE A 282 11.55 -17.81 -1.63
N HIS A 283 10.40 -17.30 -1.19
CA HIS A 283 9.39 -18.08 -0.50
C HIS A 283 8.03 -17.69 -1.06
N LEU A 284 7.08 -18.61 -0.99
CA LEU A 284 5.77 -18.34 -1.56
C LEU A 284 5.10 -17.19 -0.81
N ASP A 285 4.41 -16.33 -1.55
CA ASP A 285 3.72 -15.17 -0.98
C ASP A 285 2.22 -15.43 -1.04
N ASP A 286 1.57 -15.41 0.11
CA ASP A 286 0.14 -15.71 0.20
C ASP A 286 -0.70 -14.48 0.50
N GLU A 287 -0.13 -13.29 0.36
CA GLU A 287 -0.81 -12.08 0.81
C GLU A 287 -1.61 -11.38 -0.28
N TYR A 288 -1.51 -11.84 -1.53
CA TYR A 288 -2.23 -11.27 -2.66
C TYR A 288 -3.47 -12.10 -2.94
N SER A 289 -4.65 -11.49 -2.78
CA SER A 289 -5.89 -12.13 -3.20
C SER A 289 -5.98 -12.18 -4.73
N PRO A 290 -6.78 -13.11 -5.27
CA PRO A 290 -6.98 -13.13 -6.73
C PRO A 290 -7.50 -11.80 -7.27
N GLU A 291 -8.37 -11.13 -6.52
CA GLU A 291 -8.87 -9.83 -6.95
C GLU A 291 -7.73 -8.83 -7.07
N MET A 292 -6.82 -8.82 -6.10
N MET A 292 -6.82 -8.82 -6.10
CA MET A 292 -5.70 -7.90 -6.12
CA MET A 292 -5.72 -7.87 -6.16
C MET A 292 -4.85 -8.10 -7.39
C MET A 292 -4.84 -8.09 -7.39
N ILE A 293 -4.56 -9.36 -7.71
CA ILE A 293 -3.77 -9.66 -8.90
C ILE A 293 -4.54 -9.31 -10.16
N MET A 294 -5.83 -9.60 -10.20
CA MET A 294 -6.59 -9.39 -11.42
C MET A 294 -6.66 -7.92 -11.78
N GLN A 295 -6.70 -7.03 -10.78
CA GLN A 295 -6.73 -5.61 -11.12
C GLN A 295 -5.39 -5.10 -11.62
N GLN A 296 -4.34 -5.91 -11.57
CA GLN A 296 -3.03 -5.55 -12.09
C GLN A 296 -2.66 -6.33 -13.33
N THR A 297 -3.62 -7.02 -13.95
CA THR A 297 -3.38 -7.81 -15.14
C THR A 297 -4.46 -7.54 -16.17
N SER A 298 -4.16 -7.90 -17.42
CA SER A 298 -5.02 -7.66 -18.57
C SER A 298 -5.62 -8.97 -19.08
N GLY A 299 -6.88 -8.91 -19.48
CA GLY A 299 -7.47 -10.01 -20.23
C GLY A 299 -6.98 -10.01 -21.67
N ILE A 300 -6.81 -11.21 -22.22
CA ILE A 300 -6.23 -11.35 -23.55
C ILE A 300 -7.18 -11.98 -24.57
N VAL A 301 -8.25 -12.63 -24.15
CA VAL A 301 -9.17 -13.25 -25.12
C VAL A 301 -10.03 -12.20 -25.81
N LEU A 302 -10.61 -11.28 -25.03
CA LEU A 302 -11.50 -10.26 -25.58
C LEU A 302 -10.74 -9.00 -26.00
N ALA B 1 2.35 -1.64 16.84
CA ALA B 1 3.36 -2.56 16.35
C ALA B 1 3.07 -2.96 14.91
N GLY B 2 4.02 -3.67 14.29
CA GLY B 2 3.91 -4.06 12.91
C GLY B 2 4.53 -3.04 11.97
N ILE B 3 4.92 -3.52 10.79
CA ILE B 3 5.58 -2.72 9.77
C ILE B 3 4.92 -3.00 8.43
N LYS B 4 4.36 -1.97 7.81
CA LYS B 4 3.75 -2.10 6.49
C LYS B 4 4.20 -0.93 5.63
N LYS B 5 4.12 -1.11 4.31
CA LYS B 5 4.34 0.03 3.42
C LYS B 5 3.12 0.93 3.49
N MET B 6 3.34 2.18 3.91
CA MET B 6 2.27 3.11 4.22
C MET B 6 2.08 4.08 3.05
N VAL B 7 0.87 4.14 2.52
CA VAL B 7 0.49 5.09 1.47
C VAL B 7 -0.14 6.33 2.09
N ALA B 8 0.22 7.50 1.57
CA ALA B 8 -0.43 8.73 1.97
C ALA B 8 -1.89 8.76 1.52
N PRO B 9 -2.79 9.36 2.28
CA PRO B 9 -4.19 9.46 1.85
C PRO B 9 -4.32 10.25 0.55
N SER B 10 -5.28 9.83 -0.27
CA SER B 10 -5.34 10.25 -1.67
C SER B 10 -6.45 11.25 -1.97
N SER B 11 -7.23 11.68 -0.97
CA SER B 11 -8.41 12.48 -1.27
C SER B 11 -8.06 13.76 -2.01
N ALA B 12 -7.02 14.46 -1.57
CA ALA B 12 -6.66 15.71 -2.25
C ALA B 12 -6.24 15.43 -3.69
N VAL B 13 -5.48 14.35 -3.91
CA VAL B 13 -5.02 14.03 -5.26
C VAL B 13 -6.19 13.65 -6.15
N GLU B 14 -7.13 12.84 -5.64
CA GLU B 14 -8.23 12.37 -6.46
C GLU B 14 -9.02 13.51 -7.08
N GLN B 15 -9.08 14.65 -6.42
CA GLN B 15 -9.81 15.80 -6.95
C GLN B 15 -9.00 16.58 -7.97
N CYS B 16 -7.81 16.12 -8.34
CA CYS B 16 -7.01 16.75 -9.38
C CYS B 16 -6.73 15.83 -10.56
N VAL B 17 -7.08 14.55 -10.45
CA VAL B 17 -6.83 13.60 -11.51
C VAL B 17 -7.90 13.73 -12.57
N VAL B 18 -7.47 13.86 -13.82
CA VAL B 18 -8.37 13.98 -14.97
C VAL B 18 -7.88 13.02 -16.04
N SER B 19 -8.74 12.81 -17.03
CA SER B 19 -8.37 12.06 -18.22
C SER B 19 -8.06 13.02 -19.36
N VAL B 20 -7.04 12.69 -20.13
CA VAL B 20 -6.67 13.46 -21.32
C VAL B 20 -6.57 12.47 -22.47
N VAL B 21 -7.39 12.69 -23.50
CA VAL B 21 -7.46 11.81 -24.67
C VAL B 21 -7.18 12.64 -25.91
N HIS B 22 -6.27 12.16 -26.75
CA HIS B 22 -5.93 12.85 -27.99
C HIS B 22 -5.79 11.78 -29.07
N GLY B 23 -6.80 11.68 -29.94
CA GLY B 23 -6.81 10.68 -30.99
C GLY B 23 -6.89 9.27 -30.46
N ASN B 24 -5.85 8.49 -30.71
CA ASN B 24 -5.79 7.13 -30.18
C ASN B 24 -5.24 7.09 -28.75
N THR B 25 -4.36 8.03 -28.41
CA THR B 25 -3.70 8.02 -27.11
C THR B 25 -4.65 8.40 -25.98
N GLN B 26 -4.67 7.59 -24.92
CA GLN B 26 -5.44 7.88 -23.72
C GLN B 26 -4.53 7.79 -22.51
N LEU B 27 -4.53 8.82 -21.67
CA LEU B 27 -3.73 8.81 -20.45
C LEU B 27 -4.35 9.79 -19.45
N ASN B 28 -3.62 10.05 -18.37
CA ASN B 28 -4.13 10.82 -17.25
C ASN B 28 -3.35 12.13 -17.10
N GLY B 29 -3.97 13.08 -16.40
CA GLY B 29 -3.35 14.36 -16.16
C GLY B 29 -3.60 14.84 -14.75
N LEU B 30 -3.01 15.98 -14.42
CA LEU B 30 -3.11 16.58 -13.11
C LEU B 30 -3.65 18.00 -13.27
N TRP B 31 -4.84 18.24 -12.71
CA TRP B 31 -5.56 19.49 -12.86
C TRP B 31 -5.30 20.37 -11.64
N LEU B 32 -4.55 21.45 -11.83
CA LEU B 32 -4.23 22.40 -10.77
C LEU B 32 -4.49 23.81 -11.28
N ASN B 33 -5.22 24.60 -10.49
CA ASN B 33 -5.58 25.94 -10.90
C ASN B 33 -6.27 25.87 -12.26
N ASP B 34 -5.77 26.59 -13.28
CA ASP B 34 -6.41 26.60 -14.58
C ASP B 34 -5.56 25.88 -15.63
N TYR B 35 -4.80 24.87 -15.23
CA TYR B 35 -4.00 24.12 -16.19
C TYR B 35 -3.98 22.65 -15.81
N VAL B 36 -3.74 21.81 -16.81
CA VAL B 36 -3.60 20.38 -16.64
C VAL B 36 -2.21 19.98 -17.11
N LEU B 37 -1.51 19.17 -16.31
CA LEU B 37 -0.22 18.61 -16.69
C LEU B 37 -0.43 17.15 -17.04
N CYS B 38 0.15 16.72 -18.16
CA CYS B 38 0.12 15.32 -18.57
C CYS B 38 1.39 15.05 -19.36
N PRO B 39 1.74 13.78 -19.56
CA PRO B 39 2.93 13.47 -20.35
C PRO B 39 2.80 14.00 -21.77
N ARG B 40 3.93 14.44 -22.34
CA ARG B 40 3.89 15.01 -23.67
C ARG B 40 3.57 13.96 -24.73
N HIS B 41 3.79 12.68 -24.46
CA HIS B 41 3.44 11.75 -25.53
C HIS B 41 1.94 11.63 -25.72
N ILE B 42 1.14 12.46 -25.04
CA ILE B 42 -0.24 12.63 -25.47
C ILE B 42 -0.28 13.05 -26.93
N LEU B 43 0.72 13.84 -27.37
CA LEU B 43 0.81 14.27 -28.76
C LEU B 43 1.06 13.11 -29.71
N GLY B 44 1.75 12.08 -29.27
CA GLY B 44 2.08 10.97 -30.14
C GLY B 44 3.46 10.43 -29.80
N LYS B 45 3.97 9.55 -30.67
CA LYS B 45 5.29 8.97 -30.48
C LYS B 45 6.27 9.77 -31.33
N TYR B 46 7.02 10.67 -30.70
CA TYR B 46 7.94 11.54 -31.40
C TYR B 46 9.28 11.53 -30.68
N THR B 47 10.29 12.09 -31.35
CA THR B 47 11.64 12.19 -30.80
C THR B 47 12.11 13.62 -30.84
N GLY B 48 12.97 13.99 -29.89
CA GLY B 48 13.63 15.28 -29.86
C GLY B 48 12.80 16.48 -30.25
N GLU B 49 13.24 17.19 -31.30
CA GLU B 49 12.58 18.42 -31.74
C GLU B 49 11.13 18.18 -32.14
N GLN B 50 10.80 16.96 -32.56
CA GLN B 50 9.49 16.73 -33.17
C GLN B 50 8.36 17.05 -32.20
N TRP B 51 8.64 17.11 -30.89
CA TRP B 51 7.62 17.48 -29.93
C TRP B 51 7.13 18.91 -30.17
N ARG B 52 8.06 19.83 -30.43
CA ARG B 52 7.68 21.22 -30.69
C ARG B 52 6.87 21.34 -31.98
N ASP B 53 7.27 20.64 -33.03
CA ASP B 53 6.51 20.71 -34.27
C ASP B 53 5.16 20.03 -34.13
N ALA B 54 5.09 18.95 -33.35
CA ALA B 54 3.80 18.33 -33.06
C ALA B 54 2.93 19.26 -32.24
N LEU B 55 3.51 19.91 -31.23
CA LEU B 55 2.75 20.86 -30.42
C LEU B 55 2.24 22.01 -31.26
N ILE B 56 3.07 22.55 -32.15
CA ILE B 56 2.64 23.68 -32.95
C ILE B 56 1.53 23.26 -33.91
N ASN B 57 1.64 22.08 -34.51
CA ASN B 57 0.67 21.60 -35.47
C ASN B 57 -0.61 21.07 -34.83
N ALA B 58 -0.65 20.95 -33.51
CA ALA B 58 -1.82 20.40 -32.82
C ALA B 58 -2.93 21.44 -32.72
N ASN B 59 -4.14 20.95 -32.47
CA ASN B 59 -5.31 21.79 -32.27
C ASN B 59 -5.79 21.65 -30.83
N ASN B 60 -6.16 22.78 -30.23
CA ASN B 60 -6.65 22.75 -28.85
C ASN B 60 -7.89 21.88 -28.72
N PHE B 61 -8.67 21.76 -29.79
CA PHE B 61 -9.89 20.97 -29.75
C PHE B 61 -9.61 19.48 -29.79
N ASP B 62 -8.42 19.08 -30.26
CA ASP B 62 -8.09 17.66 -30.36
C ASP B 62 -7.82 17.03 -29.00
N PHE B 63 -7.62 17.84 -27.96
CA PHE B 63 -7.42 17.34 -26.61
C PHE B 63 -8.76 17.30 -25.89
N HIS B 64 -9.12 16.13 -25.34
CA HIS B 64 -10.37 15.94 -24.61
C HIS B 64 -10.03 15.66 -23.16
N ILE B 65 -10.38 16.60 -22.28
CA ILE B 65 -10.08 16.52 -20.86
C ILE B 65 -11.38 16.36 -20.10
N LEU B 66 -11.47 15.32 -19.26
CA LEU B 66 -12.64 15.02 -18.46
C LEU B 66 -12.25 14.97 -16.99
N TYR B 67 -13.02 15.65 -16.14
CA TYR B 67 -12.92 15.48 -14.69
C TYR B 67 -14.26 14.94 -14.20
N LYS B 68 -14.32 13.65 -13.90
CA LYS B 68 -15.55 13.02 -13.43
C LYS B 68 -16.70 13.26 -14.40
N GLY B 69 -16.42 13.07 -15.68
CA GLY B 69 -17.45 13.16 -16.69
C GLY B 69 -17.63 14.53 -17.31
N MET B 70 -17.20 15.58 -16.62
CA MET B 70 -17.32 16.94 -17.14
C MET B 70 -16.16 17.26 -18.08
N GLU B 71 -16.48 17.87 -19.23
CA GLU B 71 -15.47 18.25 -20.19
C GLU B 71 -14.75 19.50 -19.74
N LEU B 72 -13.43 19.52 -19.92
CA LEU B 72 -12.63 20.71 -19.76
C LEU B 72 -12.05 21.06 -21.13
N GLN B 73 -12.32 22.27 -21.59
CA GLN B 73 -11.88 22.70 -22.91
C GLN B 73 -10.50 23.35 -22.79
N VAL B 74 -9.58 22.93 -23.65
CA VAL B 74 -8.24 23.50 -23.67
C VAL B 74 -8.27 24.82 -24.41
N VAL B 75 -7.65 25.85 -23.84
CA VAL B 75 -7.57 27.16 -24.47
C VAL B 75 -6.13 27.56 -24.76
N GLY B 76 -5.14 26.78 -24.35
CA GLY B 76 -3.74 27.04 -24.66
C GLY B 76 -2.86 25.86 -24.33
N ARG B 77 -1.90 25.56 -25.19
CA ARG B 77 -0.97 24.45 -25.01
C ARG B 77 0.47 24.96 -24.93
N GLU B 78 1.29 24.25 -24.17
CA GLU B 78 2.72 24.53 -24.08
C GLU B 78 3.44 23.31 -23.54
N LEU B 79 4.74 23.23 -23.84
CA LEU B 79 5.59 22.12 -23.41
C LEU B 79 6.41 22.54 -22.20
N VAL B 80 6.43 21.69 -21.17
CA VAL B 80 7.23 21.92 -19.96
C VAL B 80 8.05 20.66 -19.74
N GLY B 81 9.27 20.66 -20.28
CA GLY B 81 10.08 19.45 -20.25
C GLY B 81 9.38 18.34 -21.00
N ALA B 82 9.32 17.16 -20.38
CA ALA B 82 8.60 16.02 -20.95
C ALA B 82 7.10 16.10 -20.69
N LEU B 83 6.60 17.22 -20.21
CA LEU B 83 5.18 17.37 -19.90
C LEU B 83 4.53 18.39 -20.82
N LEU B 84 3.23 18.20 -21.04
CA LEU B 84 2.40 19.18 -21.71
C LEU B 84 1.60 19.91 -20.65
N LYS B 85 1.57 21.24 -20.74
CA LYS B 85 0.80 22.08 -19.83
C LYS B 85 -0.35 22.67 -20.63
N LEU B 86 -1.57 22.21 -20.33
CA LEU B 86 -2.76 22.61 -21.06
C LEU B 86 -3.59 23.55 -20.20
N LYS B 87 -3.61 24.82 -20.57
CA LYS B 87 -4.52 25.76 -19.94
C LYS B 87 -5.96 25.38 -20.28
N VAL B 88 -6.83 25.38 -19.28
CA VAL B 88 -8.22 25.00 -19.47
C VAL B 88 -9.11 26.17 -19.10
N SER B 89 -10.34 26.14 -19.64
CA SER B 89 -11.25 27.27 -19.48
C SER B 89 -11.88 27.33 -18.10
N MET B 90 -11.58 26.40 -17.21
CA MET B 90 -12.14 26.40 -15.87
C MET B 90 -11.02 26.17 -14.85
N VAL B 91 -11.13 26.86 -13.71
CA VAL B 91 -10.17 26.74 -12.63
C VAL B 91 -10.63 25.64 -11.68
N ASN B 92 -9.71 24.74 -11.34
CA ASN B 92 -10.03 23.66 -10.41
C ASN B 92 -10.24 24.25 -9.03
N ALA B 93 -11.51 24.37 -8.62
CA ALA B 93 -11.84 24.86 -7.29
C ALA B 93 -11.30 23.96 -6.19
N ASN B 94 -11.02 22.69 -6.51
CA ASN B 94 -10.49 21.73 -5.56
C ASN B 94 -8.97 21.71 -5.52
N THR B 95 -8.32 22.69 -6.12
CA THR B 95 -6.86 22.73 -6.10
C THR B 95 -6.39 22.82 -4.64
N PRO B 96 -5.58 21.87 -4.17
CA PRO B 96 -5.14 21.91 -2.77
C PRO B 96 -3.90 22.78 -2.57
N LYS B 97 -3.48 22.93 -1.31
CA LYS B 97 -2.19 23.53 -1.02
C LYS B 97 -1.10 22.52 -1.35
N TYR B 98 -0.28 22.85 -2.34
CA TYR B 98 0.66 21.87 -2.89
C TYR B 98 2.01 22.52 -3.15
N LYS B 99 3.01 21.66 -3.31
CA LYS B 99 4.32 22.05 -3.76
C LYS B 99 4.83 21.01 -4.74
N PHE B 100 5.47 21.45 -5.82
CA PHE B 100 6.22 20.55 -6.67
C PHE B 100 7.60 20.36 -6.06
N ALA B 101 7.92 19.12 -5.73
CA ALA B 101 9.20 18.80 -5.11
C ALA B 101 9.86 17.64 -5.85
N LYS B 102 11.18 17.59 -5.79
CA LYS B 102 11.95 16.51 -6.40
C LYS B 102 12.16 15.41 -5.38
N ALA B 103 11.72 14.20 -5.71
CA ALA B 103 12.01 13.05 -4.86
C ALA B 103 13.50 12.74 -4.93
N ARG B 104 14.06 12.32 -3.81
CA ARG B 104 15.46 11.97 -3.74
C ARG B 104 15.62 10.47 -3.62
N ILE B 105 16.80 9.99 -4.03
CA ILE B 105 17.07 8.55 -4.02
C ILE B 105 16.86 7.99 -2.62
N GLY B 106 16.10 6.90 -2.53
CA GLY B 106 15.77 6.27 -1.27
C GLY B 106 14.43 6.66 -0.69
N ASP B 107 13.91 7.83 -1.08
CA ASP B 107 12.61 8.29 -0.61
C ASP B 107 11.50 7.34 -1.05
N ASN B 108 10.50 7.21 -0.18
CA ASN B 108 9.22 6.65 -0.57
C ASN B 108 8.30 7.78 -1.03
N PHE B 109 7.40 7.46 -1.95
CA PHE B 109 6.23 8.29 -2.18
C PHE B 109 5.10 7.38 -2.62
N SER B 110 3.90 7.96 -2.69
CA SER B 110 2.68 7.23 -3.02
C SER B 110 2.32 7.45 -4.48
N ILE B 111 1.95 6.37 -5.17
CA ILE B 111 1.50 6.43 -6.55
C ILE B 111 -0.02 6.37 -6.55
N ALA B 112 -0.66 7.37 -7.16
CA ALA B 112 -2.10 7.30 -7.40
C ALA B 112 -2.31 6.74 -8.81
N CYS B 113 -2.36 5.41 -8.90
CA CYS B 113 -2.45 4.75 -10.19
C CYS B 113 -3.83 4.95 -10.81
N ALA B 114 -3.87 5.54 -12.00
CA ALA B 114 -5.11 5.97 -12.61
C ALA B 114 -5.29 5.41 -14.01
N TYR B 115 -6.54 5.20 -14.38
CA TYR B 115 -6.96 4.84 -15.72
C TYR B 115 -8.20 5.64 -16.05
N ASN B 116 -8.25 6.18 -17.27
CA ASN B 116 -9.39 6.98 -17.72
C ASN B 116 -9.70 8.10 -16.73
N GLY B 117 -8.65 8.67 -16.14
CA GLY B 117 -8.82 9.78 -15.24
C GLY B 117 -9.43 9.46 -13.90
N HIS B 118 -9.41 8.18 -13.49
CA HIS B 118 -9.97 7.74 -12.22
C HIS B 118 -8.92 6.95 -11.48
N VAL B 119 -8.57 7.39 -10.28
CA VAL B 119 -7.60 6.65 -9.46
C VAL B 119 -8.23 5.30 -9.10
N SER B 120 -7.57 4.22 -9.53
CA SER B 120 -8.06 2.87 -9.27
C SER B 120 -7.37 2.18 -8.10
N GLY B 121 -6.19 2.65 -7.71
CA GLY B 121 -5.48 2.05 -6.60
C GLY B 121 -4.27 2.86 -6.24
N LEU B 122 -3.77 2.62 -5.02
CA LEU B 122 -2.61 3.32 -4.49
C LEU B 122 -1.59 2.31 -4.02
N TYR B 123 -0.31 2.67 -4.15
CA TYR B 123 0.76 1.87 -3.58
C TYR B 123 1.96 2.77 -3.37
N THR B 124 2.91 2.29 -2.58
CA THR B 124 4.13 3.03 -2.30
C THR B 124 5.25 2.52 -3.21
N VAL B 125 6.12 3.44 -3.63
CA VAL B 125 7.29 3.11 -4.42
C VAL B 125 8.51 3.70 -3.72
N THR B 126 9.68 3.33 -4.24
CA THR B 126 10.95 3.81 -3.74
C THR B 126 11.79 4.29 -4.93
N LEU B 127 12.26 5.53 -4.87
CA LEU B 127 13.12 6.00 -5.95
C LEU B 127 14.44 5.27 -5.86
N ARG B 128 14.78 4.52 -6.90
CA ARG B 128 16.01 3.76 -6.89
C ARG B 128 17.16 4.60 -7.46
N GLU B 129 18.38 4.10 -7.26
CA GLU B 129 19.58 4.87 -7.57
C GLU B 129 19.65 5.25 -9.05
N ASN B 130 19.10 4.44 -9.94
CA ASN B 130 19.07 4.79 -11.36
C ASN B 130 17.84 5.62 -11.72
N GLY B 131 17.13 6.17 -10.73
CA GLY B 131 16.03 7.04 -11.04
C GLY B 131 14.76 6.34 -11.51
N THR B 132 14.64 5.05 -11.24
CA THR B 132 13.48 4.27 -11.67
C THR B 132 12.70 3.81 -10.45
N LEU B 133 11.49 3.31 -10.72
CA LEU B 133 10.61 2.76 -9.70
C LEU B 133 10.25 1.33 -10.07
N LYS B 134 10.00 0.52 -9.05
CA LYS B 134 9.36 -0.78 -9.23
C LYS B 134 7.88 -0.58 -8.93
N GLY B 135 7.12 -0.20 -9.95
CA GLY B 135 5.73 0.11 -9.81
C GLY B 135 4.83 -0.98 -10.34
N SER B 136 3.56 -0.62 -10.55
CA SER B 136 2.58 -1.51 -11.17
C SER B 136 1.74 -0.61 -12.07
N PHE B 137 2.00 -0.70 -13.38
CA PHE B 137 1.46 0.25 -14.34
C PHE B 137 1.07 -0.52 -15.60
N MET B 138 -0.19 -0.39 -16.01
CA MET B 138 -0.66 -0.96 -17.25
C MET B 138 -0.88 0.14 -18.29
N SER B 139 -1.20 -0.28 -19.51
CA SER B 139 -1.49 0.66 -20.57
C SER B 139 -2.64 1.57 -20.15
N GLY B 140 -2.48 2.87 -20.37
CA GLY B 140 -3.44 3.84 -19.95
C GLY B 140 -3.13 4.49 -18.62
N SER B 141 -2.09 4.04 -17.93
CA SER B 141 -1.75 4.58 -16.62
C SER B 141 -0.81 5.78 -16.69
N CYS B 142 -0.29 6.10 -17.88
CA CYS B 142 0.56 7.28 -18.00
C CYS B 142 -0.18 8.50 -17.47
N GLY B 143 0.58 9.40 -16.85
CA GLY B 143 0.01 10.57 -16.22
C GLY B 143 -0.38 10.36 -14.78
N SER B 144 -0.36 9.11 -14.29
CA SER B 144 -0.51 8.86 -12.87
C SER B 144 0.59 9.59 -12.12
N VAL B 145 0.25 10.16 -10.98
CA VAL B 145 1.17 11.01 -10.24
C VAL B 145 1.64 10.29 -8.98
N GLY B 146 2.87 10.59 -8.59
CA GLY B 146 3.40 10.21 -7.29
C GLY B 146 3.41 11.43 -6.38
N TYR B 147 3.06 11.22 -5.12
CA TYR B 147 2.78 12.34 -4.24
C TYR B 147 3.14 11.96 -2.81
N ASN B 148 3.29 12.99 -1.98
CA ASN B 148 3.38 12.86 -0.55
C ASN B 148 2.38 13.83 0.06
N VAL B 149 2.00 13.57 1.31
CA VAL B 149 1.07 14.44 2.01
C VAL B 149 1.73 14.85 3.31
N THR B 150 1.85 16.16 3.52
CA THR B 150 2.43 16.71 4.74
C THR B 150 1.39 17.55 5.44
N ASN B 151 1.74 18.01 6.65
CA ASN B 151 0.86 18.92 7.34
C ASN B 151 0.80 20.28 6.66
N GLU B 152 1.70 20.55 5.70
CA GLU B 152 1.68 21.78 4.93
C GLU B 152 0.92 21.66 3.62
N GLY B 153 0.59 20.44 3.19
CA GLY B 153 -0.22 20.23 2.01
C GLY B 153 0.31 19.07 1.19
N VAL B 154 -0.17 18.99 -0.04
CA VAL B 154 0.23 17.94 -0.97
C VAL B 154 1.58 18.26 -1.56
N GLU B 155 2.38 17.23 -1.80
CA GLU B 155 3.71 17.34 -2.41
C GLU B 155 3.75 16.46 -3.63
N PHE B 156 3.74 17.07 -4.82
CA PHE B 156 3.76 16.34 -6.08
C PHE B 156 5.20 16.13 -6.52
N VAL B 157 5.61 14.88 -6.61
CA VAL B 157 7.01 14.56 -6.94
C VAL B 157 7.15 13.78 -8.24
N TYR B 158 6.11 13.12 -8.76
CA TYR B 158 6.29 12.18 -9.86
C TYR B 158 5.07 12.18 -10.77
N MET B 159 5.34 11.99 -12.07
CA MET B 159 4.31 11.69 -13.05
C MET B 159 4.83 10.56 -13.94
N HIS B 160 4.02 9.53 -14.14
CA HIS B 160 4.47 8.33 -14.83
C HIS B 160 4.49 8.52 -16.35
N HIS B 161 5.53 7.99 -16.98
CA HIS B 161 5.66 8.12 -18.43
C HIS B 161 5.83 6.79 -19.13
N LEU B 162 6.66 5.89 -18.62
CA LEU B 162 7.16 4.82 -19.45
C LEU B 162 7.52 3.61 -18.61
N GLU B 163 7.61 2.48 -19.29
CA GLU B 163 8.03 1.22 -18.72
C GLU B 163 9.26 0.72 -19.46
N LEU B 164 10.19 0.13 -18.74
CA LEU B 164 11.45 -0.32 -19.28
C LEU B 164 11.59 -1.81 -19.02
N PRO B 165 12.52 -2.49 -19.67
CA PRO B 165 12.60 -3.95 -19.56
C PRO B 165 12.77 -4.36 -18.09
N GLY B 166 12.10 -5.45 -17.73
CA GLY B 166 12.21 -5.99 -16.39
C GLY B 166 11.27 -5.39 -15.38
N CYS B 167 10.09 -4.93 -15.81
CA CYS B 167 9.10 -4.33 -14.90
C CYS B 167 9.70 -3.13 -14.16
N VAL B 168 10.39 -2.28 -14.90
CA VAL B 168 11.01 -1.07 -14.36
C VAL B 168 10.26 0.13 -14.93
N HIS B 169 10.00 1.13 -14.09
CA HIS B 169 9.17 2.24 -14.48
C HIS B 169 9.90 3.57 -14.33
N GLY B 170 9.64 4.49 -15.26
CA GLY B 170 10.30 5.77 -15.26
C GLY B 170 9.30 6.89 -15.48
N GLY B 171 9.69 8.07 -15.04
CA GLY B 171 8.83 9.22 -15.15
C GLY B 171 9.61 10.49 -14.89
N SER B 172 8.86 11.57 -14.70
CA SER B 172 9.43 12.89 -14.50
C SER B 172 8.91 13.49 -13.19
N ASP B 173 9.57 14.55 -12.75
CA ASP B 173 8.92 15.38 -11.74
C ASP B 173 7.88 16.25 -12.44
N LEU B 174 7.22 17.12 -11.68
CA LEU B 174 6.17 17.93 -12.29
C LEU B 174 6.71 19.13 -13.04
N HIS B 175 8.03 19.28 -13.11
CA HIS B 175 8.67 20.21 -14.03
C HIS B 175 9.09 19.54 -15.32
N GLY B 176 8.70 18.28 -15.53
CA GLY B 176 9.03 17.59 -16.76
C GLY B 176 10.45 17.10 -16.86
N ILE B 177 11.15 16.99 -15.74
CA ILE B 177 12.53 16.49 -15.72
C ILE B 177 12.49 15.00 -15.43
N PHE B 178 13.06 14.19 -16.32
CA PHE B 178 13.09 12.76 -16.11
C PHE B 178 13.98 12.42 -14.92
N TYR B 179 13.57 11.41 -14.15
CA TYR B 179 14.29 11.09 -12.92
C TYR B 179 15.55 10.27 -13.17
N GLY B 180 15.67 9.63 -14.33
CA GLY B 180 16.85 8.85 -14.68
C GLY B 180 17.25 9.08 -16.12
N GLY B 181 18.30 8.40 -16.53
CA GLY B 181 18.82 8.57 -17.87
C GLY B 181 18.02 7.80 -18.91
N TYR B 182 16.72 8.06 -18.96
CA TYR B 182 15.83 7.44 -19.93
C TYR B 182 15.01 8.54 -20.58
N VAL B 183 14.29 8.17 -21.63
CA VAL B 183 13.51 9.12 -22.42
C VAL B 183 12.21 8.46 -22.83
N ASP B 184 11.21 9.29 -23.12
CA ASP B 184 9.87 8.80 -23.46
C ASP B 184 9.81 8.47 -24.94
N GLU B 185 10.55 7.43 -25.31
CA GLU B 185 10.65 7.01 -26.69
C GLU B 185 10.66 5.49 -26.77
N GLU B 186 10.08 4.97 -27.85
CA GLU B 186 10.05 3.53 -28.13
C GLU B 186 11.41 3.13 -28.69
N VAL B 187 12.39 3.06 -27.80
CA VAL B 187 13.74 2.65 -28.18
C VAL B 187 14.31 1.82 -27.03
N LEU B 188 15.12 0.83 -27.37
CA LEU B 188 15.74 -0.01 -26.35
C LEU B 188 16.72 0.84 -25.54
N GLN B 189 16.41 1.01 -24.26
CA GLN B 189 17.20 1.83 -23.35
C GLN B 189 17.69 0.95 -22.21
N ARG B 190 18.98 0.66 -22.20
CA ARG B 190 19.62 -0.09 -21.12
C ARG B 190 20.22 0.90 -20.13
N ILE B 191 19.77 0.84 -18.89
CA ILE B 191 20.12 1.80 -17.84
C ILE B 191 20.86 1.08 -16.72
N PRO B 192 21.71 1.77 -15.97
CA PRO B 192 22.49 1.09 -14.92
C PRO B 192 21.57 0.40 -13.94
N PRO B 193 21.89 -0.85 -13.56
CA PRO B 193 21.08 -1.54 -12.56
C PRO B 193 21.18 -0.85 -11.22
N ALA B 194 20.14 -1.04 -10.40
CA ALA B 194 20.04 -0.28 -9.16
C ALA B 194 20.67 -1.06 -8.02
N PRO B 195 21.70 -0.54 -7.38
CA PRO B 195 22.23 -1.19 -6.18
C PRO B 195 21.24 -1.10 -5.04
N ALA B 196 21.39 -2.01 -4.08
CA ALA B 196 20.54 -2.02 -2.90
C ALA B 196 20.84 -0.81 -2.01
N ASN B 197 19.78 -0.17 -1.52
CA ASN B 197 19.94 1.06 -0.74
C ASN B 197 20.32 0.72 0.70
N SER B 198 21.58 0.98 1.06
CA SER B 198 22.08 0.61 2.38
C SER B 198 21.38 1.39 3.48
N ARG B 199 21.17 2.70 3.26
CA ARG B 199 20.49 3.49 4.27
C ARG B 199 19.12 2.91 4.57
N ASN B 200 18.33 2.62 3.52
CA ASN B 200 16.99 2.09 3.73
C ASN B 200 17.05 0.74 4.43
N ILE B 201 18.05 -0.08 4.10
CA ILE B 201 18.15 -1.39 4.74
C ILE B 201 18.44 -1.24 6.23
N VAL B 202 19.27 -0.26 6.61
CA VAL B 202 19.51 0.00 8.02
C VAL B 202 18.20 0.31 8.72
N ALA B 203 17.38 1.17 8.11
CA ALA B 203 16.09 1.52 8.70
C ALA B 203 15.22 0.27 8.87
N TRP B 204 15.24 -0.63 7.88
CA TRP B 204 14.44 -1.84 7.95
C TRP B 204 14.91 -2.76 9.07
N LEU B 205 16.23 -2.87 9.25
CA LEU B 205 16.76 -3.65 10.36
C LEU B 205 16.36 -3.04 11.71
N TYR B 206 16.44 -1.71 11.83
CA TYR B 206 15.97 -1.07 13.05
C TYR B 206 14.49 -1.35 13.27
N ALA B 207 13.68 -1.28 12.21
CA ALA B 207 12.26 -1.59 12.32
C ALA B 207 12.05 -3.00 12.84
N ALA B 208 12.91 -3.94 12.43
CA ALA B 208 12.83 -5.29 12.96
C ALA B 208 13.13 -5.30 14.46
N VAL B 209 14.16 -4.57 14.89
CA VAL B 209 14.50 -4.58 16.31
C VAL B 209 13.35 -3.99 17.11
N TYR B 210 12.72 -2.92 16.61
CA TYR B 210 11.55 -2.35 17.28
C TYR B 210 10.46 -3.39 17.51
N ASN B 211 10.40 -4.40 16.65
CA ASN B 211 9.35 -5.42 16.70
C ASN B 211 9.88 -6.78 17.16
N ASN B 212 10.82 -6.76 18.11
CA ASN B 212 11.29 -7.96 18.82
C ASN B 212 11.95 -8.95 17.87
N CYS B 213 12.51 -8.48 16.77
CA CYS B 213 13.28 -9.31 15.86
C CYS B 213 14.70 -8.75 15.85
N ASP B 214 15.54 -9.22 16.78
CA ASP B 214 16.91 -8.76 16.90
C ASP B 214 17.92 -9.91 16.86
N TRP B 215 17.51 -11.09 16.39
CA TRP B 215 18.42 -12.23 16.38
C TRP B 215 19.72 -11.91 15.66
N PHE B 216 19.63 -11.18 14.54
CA PHE B 216 20.80 -10.86 13.72
C PHE B 216 21.85 -10.01 14.45
N VAL B 217 21.49 -9.36 15.55
CA VAL B 217 22.42 -8.52 16.28
C VAL B 217 22.85 -9.17 17.60
N LYS B 218 21.92 -9.74 18.35
CA LYS B 218 22.26 -10.34 19.63
C LYS B 218 22.84 -11.76 19.51
N TYR B 219 22.55 -12.48 18.43
CA TYR B 219 22.91 -13.90 18.36
C TYR B 219 24.43 -14.13 18.28
N GLY B 220 25.16 -13.22 17.67
CA GLY B 220 26.59 -13.38 17.54
C GLY B 220 27.35 -12.57 18.57
N PRO B 221 28.64 -12.85 18.73
CA PRO B 221 29.49 -11.88 19.43
C PRO B 221 29.38 -10.55 18.72
N LYS B 222 29.33 -9.47 19.50
CA LYS B 222 29.00 -8.17 18.96
C LYS B 222 29.90 -7.85 17.77
N GLN B 223 29.30 -7.72 16.60
CA GLN B 223 30.00 -7.42 15.36
C GLN B 223 29.68 -5.99 14.94
N VAL B 224 30.72 -5.27 14.52
CA VAL B 224 30.60 -3.86 14.20
C VAL B 224 31.43 -3.58 12.96
N MET B 225 30.96 -2.64 12.14
CA MET B 225 31.64 -2.27 10.90
C MET B 225 31.58 -0.76 10.75
N SER B 226 32.74 -0.12 10.68
CA SER B 226 32.77 1.32 10.54
C SER B 226 32.15 1.74 9.22
N VAL B 227 31.72 3.01 9.16
CA VAL B 227 31.13 3.52 7.93
C VAL B 227 32.11 3.44 6.78
N GLU B 228 33.38 3.80 7.02
CA GLU B 228 34.39 3.72 5.98
C GLU B 228 34.56 2.28 5.50
N ASP B 229 34.74 1.35 6.44
CA ASP B 229 34.90 -0.06 6.09
C ASP B 229 33.67 -0.57 5.33
N PHE B 230 32.47 -0.23 5.79
CA PHE B 230 31.27 -0.70 5.10
C PHE B 230 31.22 -0.17 3.68
N ASN B 231 31.52 1.12 3.49
CA ASN B 231 31.38 1.71 2.16
C ASN B 231 32.23 0.99 1.13
N GLU B 232 33.46 0.59 1.50
CA GLU B 232 34.31 -0.08 0.54
C GLU B 232 33.76 -1.45 0.18
N TRP B 233 33.27 -2.18 1.18
CA TRP B 233 32.62 -3.45 0.87
C TRP B 233 31.44 -3.25 -0.06
N ALA B 234 30.62 -2.23 0.22
CA ALA B 234 29.41 -2.04 -0.57
C ALA B 234 29.72 -1.69 -2.02
N SER B 235 30.79 -0.94 -2.27
CA SER B 235 31.07 -0.46 -3.63
C SER B 235 31.20 -1.63 -4.62
N GLY B 236 31.73 -2.75 -4.18
CA GLY B 236 31.91 -3.87 -5.09
C GLY B 236 30.96 -5.02 -4.88
N TYR B 237 29.90 -4.81 -4.11
CA TYR B 237 28.92 -5.86 -3.88
C TYR B 237 27.49 -5.42 -4.20
N GLY B 238 27.31 -4.32 -4.91
CA GLY B 238 25.97 -3.91 -5.32
C GLY B 238 25.14 -3.22 -4.28
N PHE B 239 25.77 -2.58 -3.30
CA PHE B 239 25.06 -1.80 -2.29
C PHE B 239 25.45 -0.34 -2.41
N THR B 240 24.51 0.54 -2.10
CA THR B 240 24.78 1.98 -2.10
C THR B 240 25.70 2.37 -0.95
N LYS B 241 26.39 3.48 -1.14
CA LYS B 241 27.19 4.06 -0.07
C LYS B 241 26.27 4.45 1.08
N PHE B 242 26.71 4.19 2.31
CA PHE B 242 25.87 4.52 3.44
C PHE B 242 25.67 6.03 3.53
N GLU B 243 24.42 6.44 3.75
CA GLU B 243 24.06 7.83 3.98
C GLU B 243 23.33 7.92 5.32
N TYR B 244 23.76 8.84 6.16
CA TYR B 244 23.13 8.92 7.47
C TYR B 244 21.73 9.53 7.35
N HIS B 245 20.92 9.32 8.38
CA HIS B 245 19.60 9.93 8.44
C HIS B 245 19.26 10.22 9.90
N LEU B 246 18.65 11.39 10.13
CA LEU B 246 18.33 11.79 11.50
C LEU B 246 17.50 10.76 12.22
N ALA B 247 16.70 9.99 11.48
CA ALA B 247 15.88 8.96 12.12
C ALA B 247 16.72 7.91 12.81
N PHE B 248 17.99 7.73 12.39
CA PHE B 248 18.84 6.73 13.03
C PHE B 248 19.17 7.10 14.47
N ASP B 249 19.21 8.40 14.80
CA ASP B 249 19.36 8.79 16.20
C ASP B 249 18.18 8.30 17.03
N VAL B 250 16.96 8.45 16.50
CA VAL B 250 15.80 7.94 17.20
C VAL B 250 15.88 6.42 17.34
N PHE B 251 16.28 5.73 16.26
CA PHE B 251 16.27 4.28 16.27
C PHE B 251 17.29 3.71 17.27
N SER B 252 18.52 4.24 17.26
CA SER B 252 19.51 3.74 18.21
C SER B 252 19.15 4.11 19.64
N ALA B 253 18.44 5.22 19.84
CA ALA B 253 18.00 5.57 21.18
C ALA B 253 16.96 4.59 21.70
N ALA B 254 16.08 4.11 20.81
CA ALA B 254 15.01 3.22 21.22
C ALA B 254 15.46 1.77 21.31
N THR B 255 16.53 1.39 20.60
CA THR B 255 16.95 -0.01 20.53
C THR B 255 18.29 -0.29 21.21
N GLY B 256 19.14 0.71 21.39
CA GLY B 256 20.48 0.49 21.90
C GLY B 256 21.44 -0.06 20.88
N VAL B 257 21.00 -0.27 19.64
CA VAL B 257 21.82 -0.85 18.60
C VAL B 257 22.42 0.29 17.78
N SER B 258 23.72 0.23 17.56
CA SER B 258 24.38 1.30 16.82
C SER B 258 24.27 1.06 15.32
N VAL B 259 24.47 2.15 14.56
CA VAL B 259 24.51 2.04 13.10
C VAL B 259 25.61 1.09 12.67
N GLU B 260 26.76 1.14 13.36
CA GLU B 260 27.88 0.30 12.98
C GLU B 260 27.55 -1.18 13.16
N GLN B 261 26.73 -1.52 14.16
CA GLN B 261 26.22 -2.89 14.26
C GLN B 261 25.32 -3.24 13.08
N MET B 262 24.48 -2.30 12.65
CA MET B 262 23.61 -2.56 11.51
C MET B 262 24.41 -2.75 10.23
N LEU B 263 25.48 -1.96 10.05
CA LEU B 263 26.31 -2.11 8.86
C LEU B 263 26.98 -3.48 8.83
N ALA B 264 27.47 -3.96 9.98
CA ALA B 264 28.01 -5.31 10.04
C ALA B 264 26.94 -6.36 9.74
N ALA B 265 25.72 -6.15 10.26
CA ALA B 265 24.65 -7.10 9.95
C ALA B 265 24.37 -7.15 8.46
N ILE B 266 24.43 -6.00 7.79
CA ILE B 266 24.18 -5.96 6.34
C ILE B 266 25.17 -6.85 5.60
N LYS B 267 26.46 -6.77 5.96
CA LYS B 267 27.44 -7.61 5.29
C LYS B 267 27.19 -9.09 5.56
N GLU B 268 26.77 -9.44 6.78
CA GLU B 268 26.50 -10.84 7.08
C GLU B 268 25.26 -11.35 6.38
N LEU B 269 24.28 -10.48 6.13
CA LEU B 269 23.00 -10.90 5.58
C LEU B 269 22.85 -10.57 4.09
N ALA B 270 23.90 -10.04 3.45
CA ALA B 270 23.76 -9.54 2.08
C ALA B 270 23.34 -10.64 1.12
N ASP B 271 23.80 -11.88 1.33
CA ASP B 271 23.49 -12.99 0.46
C ASP B 271 22.26 -13.77 0.89
N GLY B 272 21.47 -13.22 1.81
CA GLY B 272 20.34 -13.92 2.37
C GLY B 272 20.71 -14.74 3.57
N TRP B 273 19.70 -15.40 4.14
CA TRP B 273 19.89 -16.21 5.33
C TRP B 273 18.74 -17.18 5.45
N ASN B 274 18.86 -18.10 6.40
CA ASN B 274 17.75 -19.00 6.72
C ASN B 274 17.58 -19.23 8.21
N TYR B 275 18.38 -18.58 9.06
CA TYR B 275 18.29 -18.83 10.50
C TYR B 275 16.88 -18.56 11.02
N ALA B 276 16.34 -17.39 10.70
CA ALA B 276 15.01 -16.99 11.16
C ALA B 276 14.55 -15.84 10.29
N PRO B 277 13.25 -15.65 10.12
CA PRO B 277 12.77 -14.51 9.34
C PRO B 277 13.14 -13.19 9.99
N VAL B 278 13.28 -12.16 9.18
CA VAL B 278 13.36 -10.78 9.64
C VAL B 278 12.20 -10.05 8.99
N LEU B 279 11.20 -9.70 9.80
CA LEU B 279 9.95 -9.11 9.31
C LEU B 279 9.40 -9.93 8.14
N GLY B 280 9.39 -11.25 8.33
CA GLY B 280 8.80 -12.19 7.40
C GLY B 280 9.64 -12.55 6.19
N SER B 281 10.84 -11.99 6.06
CA SER B 281 11.68 -12.19 4.89
C SER B 281 12.98 -12.90 5.25
N PHE B 282 13.65 -13.42 4.22
CA PHE B 282 14.97 -14.01 4.36
C PHE B 282 16.01 -13.33 3.48
N HIS B 283 15.68 -12.15 2.96
CA HIS B 283 16.61 -11.29 2.25
C HIS B 283 16.39 -9.85 2.69
N LEU B 284 17.43 -9.03 2.58
CA LEU B 284 17.34 -7.65 3.03
C LEU B 284 16.32 -6.88 2.20
N ASP B 285 15.57 -6.00 2.86
CA ASP B 285 14.57 -5.16 2.22
C ASP B 285 15.06 -3.71 2.22
N ASP B 286 15.20 -3.14 1.03
CA ASP B 286 15.71 -1.78 0.90
C ASP B 286 14.61 -0.79 0.49
N GLU B 287 13.34 -1.19 0.61
CA GLU B 287 12.24 -0.41 0.09
C GLU B 287 11.60 0.53 1.10
N TYR B 288 11.99 0.45 2.37
CA TYR B 288 11.46 1.32 3.40
C TYR B 288 12.43 2.46 3.67
N SER B 289 11.98 3.69 3.42
CA SER B 289 12.74 4.86 3.81
C SER B 289 12.76 5.02 5.33
N PRO B 290 13.77 5.72 5.86
CA PRO B 290 13.76 5.99 7.32
C PRO B 290 12.50 6.70 7.76
N GLU B 291 11.96 7.59 6.92
CA GLU B 291 10.72 8.28 7.28
C GLU B 291 9.57 7.31 7.44
N MET B 292 9.47 6.34 6.52
N MET B 292 9.46 6.33 6.53
CA MET B 292 8.40 5.35 6.58
CA MET B 292 8.36 5.38 6.62
C MET B 292 8.47 4.54 7.87
C MET B 292 8.46 4.53 7.88
N ILE B 293 9.67 4.14 8.27
CA ILE B 293 9.84 3.41 9.50
C ILE B 293 9.49 4.29 10.70
N MET B 294 9.92 5.55 10.67
CA MET B 294 9.72 6.38 11.84
C MET B 294 8.25 6.63 12.13
N GLN B 295 7.42 6.71 11.10
CA GLN B 295 6.00 6.92 11.35
C GLN B 295 5.31 5.67 11.88
N GLN B 296 6.00 4.53 11.94
CA GLN B 296 5.44 3.30 12.50
C GLN B 296 6.15 2.87 13.77
N THR B 297 6.93 3.75 14.37
CA THR B 297 7.66 3.47 15.60
C THR B 297 7.50 4.63 16.55
N SER B 298 7.75 4.37 17.83
CA SER B 298 7.56 5.35 18.89
C SER B 298 8.91 5.81 19.43
N GLY B 299 9.01 7.10 19.71
CA GLY B 299 10.14 7.60 20.47
C GLY B 299 9.97 7.22 21.93
N ILE B 300 11.08 6.92 22.59
CA ILE B 300 11.03 6.43 23.97
C ILE B 300 11.70 7.35 24.97
N VAL B 301 12.52 8.31 24.54
CA VAL B 301 13.15 9.22 25.49
C VAL B 301 12.13 10.22 26.00
N LEU B 302 11.36 10.83 25.11
CA LEU B 302 10.36 11.82 25.49
C LEU B 302 9.00 11.15 25.72
#